data_6RIV
#
_entry.id   6RIV
#
_cell.length_a   50.289
_cell.length_b   50.708
_cell.length_c   51.603
_cell.angle_alpha   97.740
_cell.angle_beta   110.240
_cell.angle_gamma   110.960
#
_symmetry.space_group_name_H-M   'P 1'
#
loop_
_entity.id
_entity.type
_entity.pdbx_description
1 polymer 'Glutathione transferase'
2 non-polymer S-Hydroxy-Glutathione
3 non-polymer 'SUCCINIC ACID'
4 non-polymer GLYCEROL
5 non-polymer 'SODIUM ION'
6 water water
#
_entity_poly.entity_id   1
_entity_poly.type   'polypeptide(L)'
_entity_poly.pdbx_seq_one_letter_code
;MAPVKVFGPAMSTNVARVTLCLEEVGAEYEVVNIDFNTMEHKSPEHLARNPFGQIPAFQDGDLLLWESRAISKYVLRKYK
TDEVDLLRESNLEEAAMVDVWTEVDAHTYNPALSPIVYQ(CSO)LFNPMMRGLPTDEKVVAESLEKLKKVLEVYEARLSK
HSYLAGDFVSFADLNHFPYTFYFMATPHAALFDSYPHVKAWWDRLMARPAVKKIAATMVPPKAKGHHHHHH
;
_entity_poly.pdbx_strand_id   B,A
#
loop_
_chem_comp.id
_chem_comp.type
_chem_comp.name
_chem_comp.formula
GOL non-polymer GLYCEROL 'C3 H8 O3'
GS8 non-polymer S-Hydroxy-Glutathione 'C10 H17 N3 O7 S'
NA non-polymer 'SODIUM ION' 'Na 1'
SIN non-polymer 'SUCCINIC ACID' 'C4 H6 O4'
#
# COMPACT_ATOMS: atom_id res chain seq x y z
N MET A 1 18.98 21.64 -13.97
CA MET A 1 17.97 21.31 -12.92
C MET A 1 16.64 22.06 -13.13
N ALA A 2 15.89 21.65 -14.15
CA ALA A 2 14.49 22.09 -14.33
C ALA A 2 13.68 21.52 -13.17
N PRO A 3 12.60 22.20 -12.75
CA PRO A 3 11.81 21.61 -11.67
C PRO A 3 11.08 20.36 -12.12
N VAL A 4 10.93 19.40 -11.21
CA VAL A 4 10.07 18.25 -11.50
C VAL A 4 8.60 18.73 -11.44
N LYS A 5 7.71 17.96 -12.08
CA LYS A 5 6.33 18.34 -12.22
C LYS A 5 5.43 17.31 -11.55
N VAL A 6 4.46 17.83 -10.78
CA VAL A 6 3.40 17.04 -10.16
C VAL A 6 2.13 17.43 -10.85
N PHE A 7 1.39 16.43 -11.33
CA PHE A 7 0.15 16.67 -12.07
C PHE A 7 -1.06 16.32 -11.22
N GLY A 8 -1.91 17.32 -10.97
CA GLY A 8 -3.16 17.14 -10.27
C GLY A 8 -3.52 18.39 -9.49
N PRO A 9 -4.73 18.43 -8.91
CA PRO A 9 -5.10 19.58 -8.08
C PRO A 9 -4.27 19.62 -6.82
N ALA A 10 -3.74 20.79 -6.48
CA ALA A 10 -2.78 20.92 -5.38
C ALA A 10 -3.38 20.48 -4.05
N MET A 11 -4.70 20.61 -3.92
CA MET A 11 -5.39 20.30 -2.67
C MET A 11 -5.84 18.85 -2.56
N SER A 12 -5.64 18.06 -3.63
CA SER A 12 -5.96 16.66 -3.58
C SER A 12 -5.07 15.93 -2.58
N THR A 13 -5.65 15.05 -1.76
CA THR A 13 -4.89 14.37 -0.73
C THR A 13 -3.64 13.69 -1.27
N ASN A 14 -3.77 12.96 -2.38
CA ASN A 14 -2.65 12.21 -2.89
C ASN A 14 -1.64 13.06 -3.63
N VAL A 15 -2.07 14.23 -4.13
CA VAL A 15 -1.10 15.24 -4.59
C VAL A 15 -0.32 15.82 -3.40
N ALA A 16 -1.03 16.18 -2.32
CA ALA A 16 -0.41 16.76 -1.13
C ALA A 16 0.58 15.77 -0.50
N ARG A 17 0.35 14.47 -0.62
CA ARG A 17 1.35 13.48 -0.13
C ARG A 17 2.69 13.78 -0.82
N VAL A 18 2.62 13.91 -2.14
CA VAL A 18 3.81 14.15 -2.94
C VAL A 18 4.45 15.52 -2.66
N THR A 19 3.63 16.56 -2.68
CA THR A 19 4.18 17.92 -2.48
C THR A 19 4.77 18.07 -1.06
N LEU A 20 4.19 17.38 -0.07
CA LEU A 20 4.81 17.38 1.26
C LEU A 20 6.20 16.75 1.23
N CYS A 21 6.33 15.61 0.55
CA CYS A 21 7.65 14.98 0.44
C CYS A 21 8.63 15.90 -0.28
N LEU A 22 8.19 16.55 -1.36
CA LEU A 22 9.04 17.50 -2.09
C LEU A 22 9.49 18.67 -1.18
N GLU A 23 8.58 19.20 -0.39
CA GLU A 23 8.94 20.29 0.52
C GLU A 23 9.89 19.81 1.60
N GLU A 24 9.64 18.62 2.15
CA GLU A 24 10.53 18.12 3.22
C GLU A 24 11.98 18.00 2.74
N VAL A 25 12.16 17.62 1.48
CA VAL A 25 13.53 17.44 0.94
C VAL A 25 14.08 18.70 0.27
N GLY A 26 13.30 19.78 0.21
CA GLY A 26 13.77 21.04 -0.37
C GLY A 26 13.95 21.01 -1.87
N ALA A 27 13.19 20.18 -2.57
CA ALA A 27 13.31 20.06 -4.04
C ALA A 27 12.52 21.16 -4.71
N GLU A 28 12.98 21.60 -5.89
CA GLU A 28 12.23 22.51 -6.74
C GLU A 28 11.20 21.71 -7.54
N TYR A 29 9.95 22.19 -7.56
CA TYR A 29 8.88 21.55 -8.28
C TYR A 29 7.82 22.56 -8.72
N GLU A 30 6.98 22.09 -9.62
CA GLU A 30 5.78 22.79 -10.05
C GLU A 30 4.63 21.83 -9.99
N VAL A 31 3.48 22.33 -9.56
CA VAL A 31 2.24 21.60 -9.63
C VAL A 31 1.45 22.07 -10.85
N VAL A 32 1.14 21.11 -11.74
CA VAL A 32 0.42 21.38 -12.98
C VAL A 32 -0.97 20.81 -12.77
N ASN A 33 -1.98 21.68 -12.82
CA ASN A 33 -3.34 21.25 -12.57
C ASN A 33 -3.82 20.29 -13.66
N ILE A 34 -4.74 19.43 -13.26
CA ILE A 34 -5.42 18.50 -14.18
C ILE A 34 -6.90 18.77 -13.98
N ASP A 35 -7.57 19.20 -15.05
CA ASP A 35 -8.94 19.68 -14.97
C ASP A 35 -9.92 18.53 -15.15
N PHE A 36 -10.50 18.07 -14.03
CA PHE A 36 -11.50 16.99 -14.06
C PHE A 36 -12.82 17.39 -14.75
N ASN A 37 -13.15 18.69 -14.76
CA ASN A 37 -14.36 19.20 -15.45
C ASN A 37 -14.34 18.93 -16.97
N THR A 38 -13.14 18.87 -17.57
CA THR A 38 -12.98 18.57 -19.00
C THR A 38 -12.41 17.16 -19.24
N MET A 39 -12.47 16.31 -18.22
CA MET A 39 -11.91 14.93 -18.23
C MET A 39 -10.44 14.87 -18.65
N GLU A 40 -9.65 15.86 -18.20
CA GLU A 40 -8.25 15.95 -18.60
C GLU A 40 -7.43 14.73 -18.12
N HIS A 41 -7.84 14.16 -16.98
CA HIS A 41 -7.23 12.93 -16.47
C HIS A 41 -7.39 11.71 -17.38
N LYS A 42 -8.35 11.76 -18.32
CA LYS A 42 -8.59 10.67 -19.29
C LYS A 42 -8.10 10.98 -20.71
N SER A 43 -7.45 12.14 -20.87
CA SER A 43 -6.88 12.55 -22.17
C SER A 43 -5.63 11.75 -22.51
N PRO A 44 -5.30 11.61 -23.80
CA PRO A 44 -4.07 10.88 -24.16
C PRO A 44 -2.80 11.42 -23.48
N GLU A 45 -2.66 12.74 -23.39
CA GLU A 45 -1.48 13.34 -22.71
C GLU A 45 -1.34 12.85 -21.26
N HIS A 46 -2.44 12.79 -20.52
CA HIS A 46 -2.37 12.32 -19.14
C HIS A 46 -2.27 10.79 -19.06
N LEU A 47 -2.93 10.06 -19.96
CA LEU A 47 -2.83 8.59 -19.96
C LEU A 47 -1.40 8.08 -20.22
N ALA A 48 -0.59 8.85 -20.94
CA ALA A 48 0.86 8.58 -21.09
C ALA A 48 1.64 8.67 -19.78
N ARG A 49 1.12 9.46 -18.83
CA ARG A 49 1.70 9.59 -17.49
C ARG A 49 1.16 8.53 -16.54
N ASN A 50 -0.15 8.32 -16.53
CA ASN A 50 -0.78 7.25 -15.71
C ASN A 50 -1.78 6.51 -16.60
N PRO A 51 -1.49 5.25 -16.99
CA PRO A 51 -2.38 4.56 -17.93
C PRO A 51 -3.76 4.19 -17.32
N PHE A 52 -3.91 4.35 -16.02
CA PHE A 52 -5.17 4.19 -15.33
C PHE A 52 -5.90 5.53 -15.21
N GLY A 53 -5.34 6.62 -15.72
CA GLY A 53 -6.09 7.90 -15.75
C GLY A 53 -6.50 8.46 -14.40
N GLN A 54 -5.53 8.47 -13.49
CA GLN A 54 -5.71 9.07 -12.18
C GLN A 54 -4.58 10.07 -11.92
N ILE A 55 -4.83 10.89 -10.91
CA ILE A 55 -3.86 11.82 -10.38
C ILE A 55 -3.53 11.38 -8.97
N PRO A 56 -2.34 11.70 -8.49
CA PRO A 56 -1.27 12.41 -9.17
C PRO A 56 -0.54 11.60 -10.23
N ALA A 57 0.08 12.31 -11.15
CA ALA A 57 1.19 11.79 -11.94
C ALA A 57 2.35 12.71 -11.72
N PHE A 58 3.51 12.34 -12.23
CA PHE A 58 4.76 13.02 -11.93
C PHE A 58 5.72 12.83 -13.09
N GLN A 59 6.44 13.91 -13.41
CA GLN A 59 7.46 13.85 -14.45
C GLN A 59 8.79 14.40 -13.96
N ASP A 60 9.83 13.63 -14.25
CA ASP A 60 11.22 14.07 -14.04
C ASP A 60 11.97 13.66 -15.32
N GLY A 61 12.22 14.64 -16.17
CA GLY A 61 12.81 14.37 -17.47
C GLY A 61 11.95 13.37 -18.23
N ASP A 62 12.57 12.27 -18.65
CA ASP A 62 11.87 11.22 -19.40
C ASP A 62 11.18 10.15 -18.54
N LEU A 63 11.19 10.35 -17.23
CA LEU A 63 10.52 9.44 -16.31
C LEU A 63 9.14 9.95 -15.93
N LEU A 64 8.14 9.11 -16.16
CA LEU A 64 6.76 9.35 -15.79
C LEU A 64 6.32 8.35 -14.74
N LEU A 65 5.82 8.87 -13.62
CA LEU A 65 5.37 8.02 -12.52
C LEU A 65 3.93 8.37 -12.16
N TRP A 66 3.29 7.41 -11.50
CA TRP A 66 1.98 7.59 -10.87
C TRP A 66 1.98 6.74 -9.63
N GLU A 67 0.88 6.79 -8.88
CA GLU A 67 0.74 6.24 -7.52
C GLU A 67 1.54 7.09 -6.54
N SER A 68 0.82 7.85 -5.71
CA SER A 68 1.41 8.86 -4.85
C SER A 68 2.52 8.34 -3.99
N ARG A 69 2.40 7.13 -3.43
CA ARG A 69 3.47 6.63 -2.58
C ARG A 69 4.73 6.27 -3.37
N ALA A 70 4.54 5.75 -4.59
CA ALA A 70 5.70 5.47 -5.45
C ALA A 70 6.42 6.74 -5.86
N ILE A 71 5.65 7.75 -6.28
CA ILE A 71 6.23 9.06 -6.58
C ILE A 71 6.96 9.60 -5.36
N SER A 72 6.31 9.51 -4.19
CA SER A 72 6.91 10.06 -2.97
C SER A 72 8.24 9.39 -2.64
N LYS A 73 8.30 8.07 -2.75
CA LYS A 73 9.55 7.39 -2.44
C LYS A 73 10.66 7.76 -3.42
N TYR A 74 10.32 7.95 -4.70
CA TYR A 74 11.31 8.41 -5.67
C TYR A 74 11.90 9.74 -5.26
N VAL A 75 11.02 10.64 -4.85
CA VAL A 75 11.45 11.95 -4.33
C VAL A 75 12.36 11.82 -3.10
N LEU A 76 11.95 10.98 -2.13
CA LEU A 76 12.68 10.88 -0.88
C LEU A 76 14.05 10.23 -1.10
N ARG A 77 14.14 9.33 -2.08
CA ARG A 77 15.44 8.75 -2.45
C ARG A 77 16.32 9.72 -3.24
N LYS A 78 15.74 10.33 -4.26
CA LYS A 78 16.52 11.22 -5.15
C LYS A 78 17.17 12.33 -4.37
N TYR A 79 16.41 12.95 -3.47
CA TYR A 79 16.86 14.11 -2.75
C TYR A 79 17.37 13.85 -1.34
N LYS A 80 17.58 12.59 -1.02
CA LYS A 80 18.05 12.19 0.31
C LYS A 80 19.40 12.84 0.66
N THR A 81 19.52 13.26 1.94
CA THR A 81 20.76 13.66 2.54
C THR A 81 20.84 12.94 3.87
N ASP A 82 22.02 12.98 4.49
CA ASP A 82 22.16 12.37 5.83
C ASP A 82 21.20 13.05 6.82
N GLU A 83 20.99 14.36 6.67
CA GLU A 83 20.08 15.13 7.53
C GLU A 83 18.59 14.84 7.26
N VAL A 84 18.23 14.61 5.99
CA VAL A 84 16.84 14.37 5.60
C VAL A 84 16.77 13.05 4.86
N ASP A 85 16.66 12.00 5.67
CA ASP A 85 16.64 10.63 5.21
C ASP A 85 15.37 10.04 5.77
N LEU A 86 14.30 10.15 4.99
CA LEU A 86 12.96 9.84 5.49
C LEU A 86 12.52 8.41 5.28
N LEU A 87 13.33 7.62 4.57
CA LEU A 87 13.08 6.20 4.39
C LEU A 87 14.00 5.26 5.19
N ARG A 88 15.19 5.76 5.56
CA ARG A 88 16.14 5.02 6.40
C ARG A 88 16.57 3.69 5.81
N GLU A 89 16.75 3.65 4.49
CA GLU A 89 16.99 2.39 3.80
C GLU A 89 18.35 1.76 4.13
N SER A 90 19.28 2.54 4.68
CA SER A 90 20.58 2.01 5.10
C SER A 90 20.55 1.29 6.45
N ASN A 91 19.42 1.31 7.14
CA ASN A 91 19.25 0.67 8.41
C ASN A 91 18.03 -0.21 8.33
N LEU A 92 18.23 -1.52 8.25
CA LEU A 92 17.17 -2.45 7.91
C LEU A 92 15.99 -2.34 8.91
N GLU A 93 16.29 -2.29 10.20
CA GLU A 93 15.24 -2.27 11.21
C GLU A 93 14.47 -0.94 11.19
N GLU A 94 15.18 0.18 11.01
CA GLU A 94 14.47 1.46 10.90
C GLU A 94 13.61 1.53 9.65
N ALA A 95 14.15 1.09 8.52
CA ALA A 95 13.39 1.06 7.26
C ALA A 95 12.17 0.19 7.41
N ALA A 96 12.32 -0.91 8.15
CA ALA A 96 11.20 -1.81 8.39
C ALA A 96 10.08 -1.13 9.15
N MET A 97 10.42 -0.33 10.17
CA MET A 97 9.35 0.35 10.93
C MET A 97 8.71 1.46 10.11
N VAL A 98 9.51 2.13 9.27
CA VAL A 98 8.94 3.11 8.36
C VAL A 98 7.93 2.40 7.47
N ASP A 99 8.31 1.25 6.93
CA ASP A 99 7.44 0.48 6.05
C ASP A 99 6.20 -0.04 6.75
N VAL A 100 6.38 -0.60 7.97
CA VAL A 100 5.21 -1.06 8.72
C VAL A 100 4.18 0.05 8.82
N TRP A 101 4.60 1.21 9.32
CA TRP A 101 3.61 2.26 9.63
C TRP A 101 3.06 2.93 8.35
N THR A 102 3.84 2.90 7.28
CA THR A 102 3.29 3.29 5.94
C THR A 102 2.18 2.31 5.53
N GLU A 103 2.40 1.02 5.71
CA GLU A 103 1.37 0.04 5.42
C GLU A 103 0.16 0.13 6.32
N VAL A 104 0.38 0.48 7.60
CA VAL A 104 -0.73 0.64 8.53
C VAL A 104 -1.59 1.83 8.07
N ASP A 105 -0.97 2.91 7.63
CA ASP A 105 -1.76 4.03 7.06
C ASP A 105 -2.62 3.51 5.91
N ALA A 106 -2.02 2.78 4.98
CA ALA A 106 -2.73 2.38 3.78
C ALA A 106 -3.86 1.38 4.02
N HIS A 107 -3.62 0.46 4.96
CA HIS A 107 -4.50 -0.70 5.12
C HIS A 107 -5.31 -0.75 6.39
N THR A 108 -5.02 0.14 7.34
CA THR A 108 -5.69 0.09 8.65
C THR A 108 -6.26 1.47 9.02
N TYR A 109 -5.38 2.48 9.09
CA TYR A 109 -5.77 3.81 9.52
C TYR A 109 -6.62 4.52 8.46
N ASN A 110 -6.11 4.63 7.24
CA ASN A 110 -6.85 5.40 6.27
C ASN A 110 -8.20 4.75 5.92
N PRO A 111 -8.28 3.41 5.85
CA PRO A 111 -9.61 2.82 5.63
C PRO A 111 -10.65 3.13 6.71
N ALA A 112 -10.20 3.41 7.94
CA ALA A 112 -11.10 3.84 9.03
C ALA A 112 -11.41 5.35 9.02
N LEU A 113 -10.41 6.15 8.67
CA LEU A 113 -10.53 7.61 8.78
C LEU A 113 -11.11 8.22 7.48
N SER A 114 -10.70 7.71 6.32
CA SER A 114 -11.09 8.37 5.09
CA SER A 114 -11.09 8.29 5.03
C SER A 114 -12.61 8.39 4.81
N PRO A 115 -13.37 7.34 5.21
CA PRO A 115 -14.81 7.45 4.95
C PRO A 115 -15.45 8.60 5.70
N ILE A 116 -14.90 8.94 6.86
CA ILE A 116 -15.44 10.05 7.63
C ILE A 116 -15.14 11.35 6.88
N VAL A 117 -13.95 11.46 6.32
CA VAL A 117 -13.61 12.61 5.48
C VAL A 117 -14.53 12.71 4.27
N TYR A 118 -14.74 11.59 3.60
CA TYR A 118 -15.62 11.59 2.45
C TYR A 118 -17.03 12.00 2.80
N GLN A 119 -17.59 11.38 3.83
CA GLN A 119 -18.99 11.63 4.13
C GLN A 119 -19.22 13.03 4.70
N CSO A 120 -18.28 13.52 5.51
CA CSO A 120 -18.48 14.76 6.24
CB CSO A 120 -17.87 14.65 7.67
SG CSO A 120 -18.59 13.33 8.66
C CSO A 120 -17.92 15.95 5.55
O CSO A 120 -18.33 17.07 5.86
OD CSO A 120 -20.46 13.62 8.69
N LEU A 121 -17.00 15.78 4.59
CA LEU A 121 -16.31 16.90 3.95
C LEU A 121 -16.37 16.82 2.43
N PHE A 122 -15.79 15.79 1.84
CA PHE A 122 -15.69 15.78 0.39
C PHE A 122 -17.08 15.72 -0.27
N ASN A 123 -17.99 14.90 0.25
CA ASN A 123 -19.33 14.80 -0.33
C ASN A 123 -20.04 16.12 -0.40
N PRO A 124 -20.23 16.80 0.74
CA PRO A 124 -20.94 18.05 0.65
C PRO A 124 -20.17 19.14 -0.08
N MET A 125 -18.83 19.16 0.05
CA MET A 125 -18.06 20.33 -0.42
C MET A 125 -17.67 20.29 -1.92
N MET A 126 -17.54 19.11 -2.49
CA MET A 126 -17.10 19.00 -3.88
C MET A 126 -18.30 19.04 -4.80
N ARG A 127 -19.11 17.99 -4.83
CA ARG A 127 -20.28 17.97 -5.73
C ARG A 127 -21.60 18.23 -5.00
N GLY A 128 -21.58 18.39 -3.68
CA GLY A 128 -22.85 18.53 -2.92
C GLY A 128 -23.64 17.24 -2.83
N LEU A 129 -22.94 16.15 -2.56
CA LEU A 129 -23.51 14.84 -2.34
C LEU A 129 -23.91 14.72 -0.87
N PRO A 130 -24.91 13.87 -0.58
CA PRO A 130 -25.33 13.66 0.79
C PRO A 130 -24.33 12.90 1.65
N THR A 131 -24.65 12.84 2.93
CA THR A 131 -23.88 12.16 3.92
C THR A 131 -24.61 10.89 4.37
N ASP A 132 -23.85 9.80 4.49
CA ASP A 132 -24.34 8.51 4.98
C ASP A 132 -23.86 8.35 6.43
N GLU A 133 -24.72 8.64 7.39
CA GLU A 133 -24.35 8.57 8.80
C GLU A 133 -24.05 7.17 9.30
N LYS A 134 -24.60 6.15 8.64
CA LYS A 134 -24.28 4.76 9.00
C LYS A 134 -22.80 4.51 8.73
N VAL A 135 -22.32 4.96 7.57
CA VAL A 135 -20.90 4.82 7.20
C VAL A 135 -20.02 5.55 8.21
N VAL A 136 -20.44 6.76 8.58
CA VAL A 136 -19.69 7.55 9.54
C VAL A 136 -19.61 6.82 10.88
N ALA A 137 -20.74 6.38 11.38
CA ALA A 137 -20.76 5.70 12.68
C ALA A 137 -19.89 4.45 12.72
N GLU A 138 -20.00 3.61 11.69
CA GLU A 138 -19.23 2.36 11.66
C GLU A 138 -17.73 2.68 11.58
N SER A 139 -17.40 3.66 10.77
CA SER A 139 -16.01 4.07 10.60
C SER A 139 -15.42 4.67 11.89
N LEU A 140 -16.20 5.46 12.60
CA LEU A 140 -15.77 6.04 13.85
C LEU A 140 -15.42 4.96 14.87
N GLU A 141 -16.26 3.93 14.97
CA GLU A 141 -15.97 2.87 15.90
C GLU A 141 -14.69 2.13 15.54
N LYS A 142 -14.47 1.87 14.26
CA LYS A 142 -13.20 1.31 13.85
C LYS A 142 -12.02 2.24 14.17
N LEU A 143 -12.17 3.53 13.90
CA LEU A 143 -11.10 4.48 14.09
C LEU A 143 -10.70 4.59 15.56
N LYS A 144 -11.67 4.54 16.46
CA LYS A 144 -11.37 4.59 17.88
C LYS A 144 -10.44 3.43 18.27
N LYS A 145 -10.71 2.24 17.77
CA LYS A 145 -9.89 1.09 18.10
C LYS A 145 -8.49 1.23 17.52
N VAL A 146 -8.42 1.81 16.33
CA VAL A 146 -7.10 2.08 15.71
C VAL A 146 -6.31 3.09 16.53
N LEU A 147 -6.96 4.16 16.93
CA LEU A 147 -6.30 5.21 17.68
C LEU A 147 -5.77 4.75 19.04
N GLU A 148 -6.43 3.76 19.66
CA GLU A 148 -5.90 3.18 20.86
C GLU A 148 -4.48 2.62 20.65
N VAL A 149 -4.29 1.94 19.51
CA VAL A 149 -3.02 1.35 19.14
C VAL A 149 -1.98 2.46 18.86
N TYR A 150 -2.40 3.49 18.13
CA TYR A 150 -1.52 4.63 17.88
C TYR A 150 -1.13 5.33 19.18
N GLU A 151 -2.08 5.41 20.12
CA GLU A 151 -1.78 6.08 21.39
C GLU A 151 -0.66 5.36 22.13
N ALA A 152 -0.68 4.03 22.14
CA ALA A 152 0.38 3.27 22.79
C ALA A 152 1.70 3.46 22.04
N ARG A 153 1.66 3.39 20.72
CA ARG A 153 2.89 3.52 19.97
C ARG A 153 3.56 4.86 20.20
N LEU A 154 2.75 5.92 20.18
CA LEU A 154 3.24 7.28 20.29
C LEU A 154 3.52 7.68 21.75
N SER A 155 3.36 6.72 22.67
CA SER A 155 3.89 6.86 24.02
C SER A 155 5.33 6.33 24.14
N LYS A 156 5.75 5.52 23.17
CA LYS A 156 7.10 4.93 23.14
C LYS A 156 8.09 5.79 22.38
N HIS A 157 7.61 6.50 21.37
CA HIS A 157 8.43 7.35 20.52
C HIS A 157 7.63 8.55 20.11
N SER A 158 8.34 9.62 19.71
CA SER A 158 7.64 10.84 19.28
CA SER A 158 7.70 10.85 19.27
C SER A 158 7.05 10.70 17.88
N TYR A 159 7.53 9.73 17.10
CA TYR A 159 7.04 9.46 15.73
C TYR A 159 6.76 8.00 15.57
N LEU A 160 6.13 7.63 14.45
CA LEU A 160 5.65 6.27 14.32
C LEU A 160 6.75 5.22 14.17
N ALA A 161 7.81 5.54 13.44
CA ALA A 161 8.85 4.57 13.17
C ALA A 161 9.96 4.54 14.21
N GLY A 162 9.97 5.51 15.13
CA GLY A 162 11.06 5.63 16.10
C GLY A 162 11.16 7.07 16.52
N ASP A 163 12.33 7.45 16.98
CA ASP A 163 12.54 8.81 17.50
C ASP A 163 12.98 9.78 16.40
N PHE A 164 12.50 9.56 15.21
CA PHE A 164 12.81 10.37 14.02
C PHE A 164 11.55 10.42 13.18
N VAL A 165 11.32 11.58 12.57
CA VAL A 165 10.22 11.72 11.59
C VAL A 165 10.58 10.90 10.35
N SER A 166 9.57 10.38 9.69
CA SER A 166 9.82 9.58 8.49
C SER A 166 8.65 9.66 7.53
N PHE A 167 8.80 8.96 6.41
CA PHE A 167 7.71 8.83 5.44
C PHE A 167 6.47 8.27 6.10
N ALA A 168 6.62 7.42 7.12
CA ALA A 168 5.42 6.89 7.77
C ALA A 168 4.54 8.01 8.30
N ASP A 169 5.14 8.98 8.99
CA ASP A 169 4.35 10.06 9.55
C ASP A 169 3.76 10.94 8.44
N LEU A 170 4.58 11.26 7.44
CA LEU A 170 4.15 12.14 6.36
C LEU A 170 2.92 11.56 5.65
N ASN A 171 2.89 10.23 5.48
CA ASN A 171 1.74 9.57 4.83
C ASN A 171 0.42 9.83 5.54
N HIS A 172 0.45 10.07 6.86
CA HIS A 172 -0.78 10.31 7.62
C HIS A 172 -1.30 11.73 7.48
N PHE A 173 -0.47 12.64 6.97
CA PHE A 173 -0.85 14.06 6.96
C PHE A 173 -2.07 14.41 6.08
N PRO A 174 -2.09 13.99 4.79
CA PRO A 174 -3.12 14.64 3.96
C PRO A 174 -4.56 14.33 4.38
N TYR A 175 -4.92 13.06 4.58
CA TYR A 175 -6.30 12.77 4.97
C TYR A 175 -6.60 13.24 6.38
N THR A 176 -5.62 13.12 7.28
CA THR A 176 -5.84 13.58 8.66
C THR A 176 -6.10 15.06 8.70
N PHE A 177 -5.39 15.83 7.86
CA PHE A 177 -5.65 17.26 7.79
C PHE A 177 -7.10 17.56 7.46
N TYR A 178 -7.64 16.83 6.50
CA TYR A 178 -9.05 17.03 6.16
C TYR A 178 -9.99 16.51 7.26
N PHE A 179 -9.62 15.41 7.94
CA PHE A 179 -10.40 14.95 9.09
C PHE A 179 -10.54 16.07 10.13
N MET A 180 -9.50 16.87 10.31
CA MET A 180 -9.49 17.96 11.28
C MET A 180 -10.43 19.10 10.90
N ALA A 181 -10.90 19.09 9.65
CA ALA A 181 -11.89 20.04 9.17
C ALA A 181 -13.32 19.52 9.31
N THR A 182 -13.51 18.33 9.86
CA THR A 182 -14.82 17.76 10.07
C THR A 182 -15.30 17.93 11.51
N PRO A 183 -16.61 17.71 11.76
CA PRO A 183 -17.10 17.78 13.14
C PRO A 183 -16.55 16.74 14.10
N HIS A 184 -15.77 15.76 13.60
CA HIS A 184 -15.20 14.71 14.46
C HIS A 184 -13.73 14.98 14.83
N ALA A 185 -13.21 16.16 14.48
CA ALA A 185 -11.81 16.52 14.76
C ALA A 185 -11.42 16.28 16.23
N ALA A 186 -12.33 16.62 17.14
CA ALA A 186 -12.09 16.50 18.56
C ALA A 186 -11.84 15.09 19.05
N LEU A 187 -12.18 14.06 18.25
CA LEU A 187 -11.87 12.69 18.62
C LEU A 187 -10.39 12.53 19.08
N PHE A 188 -9.47 13.17 18.39
CA PHE A 188 -8.05 13.03 18.73
C PHE A 188 -7.69 13.53 20.14
N ASP A 189 -8.49 14.43 20.70
CA ASP A 189 -8.24 14.89 22.07
C ASP A 189 -8.33 13.76 23.10
N SER A 190 -9.04 12.68 22.77
CA SER A 190 -9.15 11.52 23.64
C SER A 190 -7.92 10.62 23.63
N TYR A 191 -6.95 10.93 22.76
CA TYR A 191 -5.73 10.14 22.58
C TYR A 191 -4.55 11.12 22.66
N PRO A 192 -4.15 11.50 23.90
CA PRO A 192 -3.22 12.65 24.04
C PRO A 192 -1.88 12.53 23.35
N HIS A 193 -1.33 11.33 23.27
CA HIS A 193 -0.06 11.13 22.56
C HIS A 193 -0.25 11.21 21.06
N VAL A 194 -1.42 10.83 20.55
CA VAL A 194 -1.72 10.99 19.12
C VAL A 194 -1.90 12.48 18.82
N LYS A 195 -2.63 13.19 19.67
CA LYS A 195 -2.81 14.61 19.46
C LYS A 195 -1.45 15.32 19.53
N ALA A 196 -0.58 14.94 20.47
CA ALA A 196 0.72 15.61 20.57
C ALA A 196 1.58 15.37 19.32
N TRP A 197 1.50 14.16 18.76
CA TRP A 197 2.19 13.82 17.51
C TRP A 197 1.62 14.67 16.34
N TRP A 198 0.31 14.75 16.24
CA TRP A 198 -0.32 15.56 15.23
C TRP A 198 0.15 17.00 15.30
N ASP A 199 0.17 17.55 16.51
CA ASP A 199 0.58 18.94 16.70
C ASP A 199 2.04 19.13 16.32
N ARG A 200 2.90 18.15 16.62
CA ARG A 200 4.28 18.21 16.19
C ARG A 200 4.38 18.23 14.65
N LEU A 201 3.60 17.40 13.96
CA LEU A 201 3.63 17.42 12.49
C LEU A 201 3.16 18.76 11.97
N MET A 202 2.07 19.28 12.54
CA MET A 202 1.54 20.60 12.10
C MET A 202 2.49 21.78 12.35
N ALA A 203 3.42 21.61 13.26
CA ALA A 203 4.43 22.63 13.54
C ALA A 203 5.57 22.65 12.52
N ARG A 204 5.68 21.61 11.69
CA ARG A 204 6.80 21.54 10.75
C ARG A 204 6.64 22.54 9.61
N PRO A 205 7.74 23.21 9.23
CA PRO A 205 7.56 24.21 8.16
C PRO A 205 7.03 23.62 6.84
N ALA A 206 7.47 22.44 6.46
CA ALA A 206 7.00 21.83 5.21
C ALA A 206 5.51 21.52 5.28
N VAL A 207 5.06 21.04 6.43
CA VAL A 207 3.65 20.71 6.63
C VAL A 207 2.81 21.99 6.58
N LYS A 208 3.28 23.07 7.21
CA LYS A 208 2.59 24.36 7.10
C LYS A 208 2.42 24.81 5.66
N LYS A 209 3.47 24.64 4.86
CA LYS A 209 3.41 25.11 3.48
C LYS A 209 2.37 24.31 2.71
N ILE A 210 2.31 23.01 2.90
CA ILE A 210 1.36 22.24 2.14
C ILE A 210 -0.05 22.41 2.71
N ALA A 211 -0.19 22.55 4.03
CA ALA A 211 -1.51 22.79 4.61
C ALA A 211 -2.13 24.07 4.00
N ALA A 212 -1.32 25.09 3.72
CA ALA A 212 -1.81 26.32 3.11
C ALA A 212 -2.36 26.10 1.69
N THR A 213 -1.87 25.07 1.01
CA THR A 213 -2.39 24.73 -0.31
C THR A 213 -3.68 23.94 -0.28
N MET A 214 -4.09 23.47 0.89
CA MET A 214 -5.22 22.55 1.03
C MET A 214 -6.51 23.27 1.42
N VAL A 215 -6.86 24.23 0.59
CA VAL A 215 -8.08 25.07 0.75
C VAL A 215 -8.94 25.02 -0.53
N PRO A 216 -10.28 25.31 -0.41
CA PRO A 216 -11.17 25.33 -1.60
C PRO A 216 -11.26 26.64 -2.43
N PRO A 217 -11.52 27.83 -1.81
CA PRO A 217 -11.45 29.06 -2.63
C PRO A 217 -10.02 29.44 -3.04
N MET B 1 18.95 -22.53 16.98
CA MET B 1 19.16 -21.98 15.60
C MET B 1 18.27 -20.80 15.26
N ALA B 2 18.73 -20.08 14.23
CA ALA B 2 18.23 -18.75 13.88
C ALA B 2 17.34 -18.63 12.61
N PRO B 3 16.39 -19.57 12.37
CA PRO B 3 15.45 -19.20 11.30
C PRO B 3 14.54 -18.04 11.74
N VAL B 4 14.23 -17.15 10.81
CA VAL B 4 13.20 -16.14 11.08
C VAL B 4 11.83 -16.85 11.10
N LYS B 5 10.86 -16.23 11.78
CA LYS B 5 9.54 -16.83 11.94
C LYS B 5 8.48 -15.96 11.28
N VAL B 6 7.60 -16.61 10.52
CA VAL B 6 6.40 -16.00 9.96
C VAL B 6 5.22 -16.59 10.74
N PHE B 7 4.32 -15.73 11.23
CA PHE B 7 3.17 -16.15 12.01
C PHE B 7 1.89 -16.06 11.21
N GLY B 8 1.23 -17.18 11.01
CA GLY B 8 -0.07 -17.23 10.36
C GLY B 8 -0.24 -18.53 9.60
N PRO B 9 -1.47 -18.83 9.17
CA PRO B 9 -1.69 -20.02 8.34
C PRO B 9 -0.89 -19.95 7.05
N ALA B 10 -0.17 -21.00 6.69
CA ALA B 10 0.74 -20.97 5.55
C ALA B 10 0.03 -20.64 4.22
N MET B 11 -1.24 -21.01 4.13
CA MET B 11 -2.00 -20.83 2.90
C MET B 11 -2.68 -19.49 2.80
N SER B 12 -2.58 -18.67 3.85
CA SER B 12 -3.18 -17.37 3.80
C SER B 12 -2.45 -16.50 2.77
N THR B 13 -3.21 -15.75 1.97
CA THR B 13 -2.59 -14.96 0.90
C THR B 13 -1.44 -14.08 1.38
N ASN B 14 -1.66 -13.34 2.45
CA ASN B 14 -0.67 -12.39 2.90
C ASN B 14 0.51 -13.05 3.60
N VAL B 15 0.33 -14.27 4.14
CA VAL B 15 1.45 -15.08 4.57
C VAL B 15 2.26 -15.55 3.37
N ALA B 16 1.57 -16.04 2.34
CA ALA B 16 2.23 -16.52 1.14
C ALA B 16 3.02 -15.42 0.44
N ARG B 17 2.59 -14.15 0.53
CA ARG B 17 3.40 -13.04 0.03
C ARG B 17 4.79 -13.11 0.64
N VAL B 18 4.80 -13.25 1.96
CA VAL B 18 6.07 -13.28 2.70
C VAL B 18 6.88 -14.53 2.45
N THR B 19 6.24 -15.68 2.46
CA THR B 19 7.00 -16.92 2.27
C THR B 19 7.57 -16.99 0.83
N LEU B 20 6.84 -16.44 -0.15
CA LEU B 20 7.39 -16.32 -1.53
C LEU B 20 8.66 -15.50 -1.53
N CYS B 21 8.65 -14.36 -0.85
CA CYS B 21 9.87 -13.54 -0.79
C CYS B 21 11.01 -14.30 -0.11
N LEU B 22 10.70 -14.97 1.01
CA LEU B 22 11.71 -15.78 1.68
C LEU B 22 12.30 -16.87 0.77
N GLU B 23 11.44 -17.55 0.03
CA GLU B 23 11.91 -18.56 -0.93
C GLU B 23 12.76 -17.96 -2.04
N GLU B 24 12.34 -16.82 -2.57
CA GLU B 24 13.09 -16.22 -3.67
C GLU B 24 14.52 -15.87 -3.26
N VAL B 25 14.71 -15.41 -2.02
CA VAL B 25 16.05 -15.05 -1.54
C VAL B 25 16.80 -16.19 -0.84
N GLY B 26 16.18 -17.37 -0.69
CA GLY B 26 16.85 -18.55 -0.14
C GLY B 26 17.07 -18.49 1.34
N ALA B 27 16.21 -17.76 2.05
CA ALA B 27 16.36 -17.59 3.50
C ALA B 27 15.78 -18.79 4.24
N GLU B 28 16.38 -19.12 5.38
CA GLU B 28 15.80 -20.13 6.26
C GLU B 28 14.72 -19.48 7.12
N TYR B 29 13.58 -20.16 7.20
CA TYR B 29 12.43 -19.65 7.94
C TYR B 29 11.57 -20.79 8.41
N GLU B 30 10.73 -20.46 9.40
CA GLU B 30 9.64 -21.32 9.82
C GLU B 30 8.35 -20.54 9.78
N VAL B 31 7.28 -21.24 9.44
CA VAL B 31 5.92 -20.70 9.55
C VAL B 31 5.29 -21.29 10.82
N VAL B 32 4.88 -20.39 11.71
CA VAL B 32 4.21 -20.75 12.97
C VAL B 32 2.73 -20.47 12.79
N ASN B 33 1.91 -21.51 12.90
CA ASN B 33 0.48 -21.31 12.70
C ASN B 33 -0.13 -20.43 13.79
N ILE B 34 -1.19 -19.74 13.41
CA ILE B 34 -2.03 -18.97 14.31
C ILE B 34 -3.45 -19.50 14.12
N ASP B 35 -4.03 -20.02 15.20
CA ASP B 35 -5.32 -20.69 15.16
C ASP B 35 -6.46 -19.71 15.35
N PHE B 36 -7.14 -19.40 14.24
CA PHE B 36 -8.26 -18.49 14.31
C PHE B 36 -9.45 -19.05 15.09
N ASN B 37 -9.57 -20.38 15.14
CA ASN B 37 -10.67 -21.05 15.84
C ASN B 37 -10.65 -20.82 17.36
N THR B 38 -9.48 -20.58 17.91
CA THR B 38 -9.32 -20.18 19.32
C THR B 38 -9.00 -18.68 19.51
N MET B 39 -9.25 -17.87 18.47
CA MET B 39 -8.91 -16.43 18.49
C MET B 39 -7.46 -16.13 18.87
N GLU B 40 -6.55 -17.00 18.45
CA GLU B 40 -5.13 -16.83 18.78
C GLU B 40 -4.57 -15.51 18.22
N HIS B 41 -5.12 -15.05 17.11
CA HIS B 41 -4.70 -13.75 16.54
C HIS B 41 -5.03 -12.56 17.43
N LYS B 42 -5.95 -12.73 18.38
CA LYS B 42 -6.32 -11.69 19.33
C LYS B 42 -5.76 -11.93 20.73
N SER B 43 -4.92 -12.95 20.87
CA SER B 43 -4.31 -13.24 22.17
C SER B 43 -3.24 -12.20 22.50
N PRO B 44 -2.98 -11.95 23.79
CA PRO B 44 -1.90 -11.00 24.11
C PRO B 44 -0.55 -11.33 23.46
N GLU B 45 -0.24 -12.61 23.37
CA GLU B 45 1.00 -13.07 22.80
C GLU B 45 1.11 -12.63 21.33
N HIS B 46 0.02 -12.75 20.56
CA HIS B 46 0.07 -12.31 19.18
C HIS B 46 -0.06 -10.81 19.04
N LEU B 47 -0.83 -10.16 19.91
CA LEU B 47 -0.94 -8.70 19.84
C LEU B 47 0.41 -8.00 20.13
N ALA B 48 1.29 -8.65 20.87
CA ALA B 48 2.66 -8.15 21.04
C ALA B 48 3.41 -8.10 19.70
N ARG B 49 3.02 -8.95 18.77
CA ARG B 49 3.64 -9.03 17.44
C ARG B 49 2.98 -8.08 16.47
N ASN B 50 1.65 -8.12 16.41
CA ASN B 50 0.85 -7.22 15.60
C ASN B 50 -0.23 -6.65 16.47
N PRO B 51 -0.11 -5.36 16.84
CA PRO B 51 -1.08 -4.81 17.80
C PRO B 51 -2.50 -4.68 17.27
N PHE B 52 -2.66 -4.80 15.96
CA PHE B 52 -3.97 -4.81 15.33
C PHE B 52 -4.59 -6.21 15.24
N GLY B 53 -3.87 -7.23 15.68
CA GLY B 53 -4.47 -8.56 15.81
C GLY B 53 -4.80 -9.22 14.47
N GLN B 54 -3.86 -9.12 13.53
CA GLN B 54 -3.99 -9.78 12.24
C GLN B 54 -2.72 -10.60 11.97
N ILE B 55 -2.83 -11.44 10.96
CA ILE B 55 -1.71 -12.17 10.39
C ILE B 55 -1.47 -11.70 8.96
N PRO B 56 -0.23 -11.77 8.46
CA PRO B 56 0.96 -12.28 9.13
C PRO B 56 1.57 -11.31 10.15
N ALA B 57 2.36 -11.90 11.05
CA ALA B 57 3.39 -11.18 11.75
C ALA B 57 4.70 -11.91 11.50
N PHE B 58 5.78 -11.35 12.00
CA PHE B 58 7.14 -11.84 11.69
C PHE B 58 8.09 -11.49 12.80
N GLN B 59 8.99 -12.42 13.08
CA GLN B 59 10.02 -12.17 14.09
C GLN B 59 11.40 -12.50 13.56
N ASP B 60 12.33 -11.57 13.80
CA ASP B 60 13.75 -11.82 13.60
C ASP B 60 14.43 -11.31 14.84
N GLY B 61 14.83 -12.22 15.72
CA GLY B 61 15.34 -11.81 17.01
C GLY B 61 14.41 -10.91 17.78
N ASP B 62 14.90 -9.73 18.17
CA ASP B 62 14.06 -8.77 18.90
C ASP B 62 13.20 -7.88 18.02
N LEU B 63 13.20 -8.13 16.71
CA LEU B 63 12.39 -7.34 15.78
C LEU B 63 11.11 -8.08 15.48
N LEU B 64 9.99 -7.40 15.74
CA LEU B 64 8.65 -7.90 15.43
C LEU B 64 8.03 -6.96 14.41
N LEU B 65 7.58 -7.58 13.30
CA LEU B 65 6.98 -6.84 12.19
C LEU B 65 5.60 -7.38 11.86
N TRP B 66 4.80 -6.51 11.26
CA TRP B 66 3.57 -6.95 10.63
C TRP B 66 3.35 -6.14 9.37
N GLU B 67 2.25 -6.43 8.66
CA GLU B 67 1.96 -5.89 7.31
C GLU B 67 2.84 -6.61 6.32
N SER B 68 2.19 -7.49 5.56
CA SER B 68 2.92 -8.37 4.65
C SER B 68 3.92 -7.70 3.75
N ARG B 69 3.56 -6.56 3.18
CA ARG B 69 4.52 -5.90 2.30
C ARG B 69 5.72 -5.35 3.04
N ALA B 70 5.52 -4.85 4.25
CA ALA B 70 6.65 -4.38 5.07
C ALA B 70 7.56 -5.53 5.45
N ILE B 71 6.99 -6.65 5.88
CA ILE B 71 7.78 -7.84 6.17
C ILE B 71 8.58 -8.25 4.94
N SER B 72 7.89 -8.31 3.81
CA SER B 72 8.50 -8.77 2.57
C SER B 72 9.69 -7.90 2.19
N LYS B 73 9.56 -6.58 2.30
CA LYS B 73 10.68 -5.70 1.93
C LYS B 73 11.87 -5.87 2.86
N TYR B 74 11.61 -6.13 4.14
CA TYR B 74 12.70 -6.39 5.10
C TYR B 74 13.48 -7.63 4.63
N VAL B 75 12.75 -8.67 4.27
CA VAL B 75 13.33 -9.91 3.77
C VAL B 75 14.14 -9.65 2.48
N LEU B 76 13.54 -8.94 1.52
CA LEU B 76 14.20 -8.70 0.26
C LEU B 76 15.46 -7.87 0.44
N ARG B 77 15.46 -6.93 1.40
CA ARG B 77 16.67 -6.15 1.71
C ARG B 77 17.71 -6.95 2.46
N LYS B 78 17.27 -7.66 3.50
CA LYS B 78 18.23 -8.37 4.39
C LYS B 78 19.05 -9.39 3.59
N TYR B 79 18.38 -10.15 2.73
CA TYR B 79 18.96 -11.24 2.02
C TYR B 79 19.33 -10.91 0.56
N LYS B 80 19.32 -9.63 0.20
CA LYS B 80 19.67 -9.19 -1.15
C LYS B 80 21.05 -9.69 -1.55
N THR B 81 21.16 -10.06 -2.82
CA THR B 81 22.45 -10.28 -3.47
C THR B 81 22.40 -9.63 -4.85
N ASP B 82 23.54 -9.56 -5.53
CA ASP B 82 23.58 -9.06 -6.90
C ASP B 82 22.65 -9.85 -7.83
N GLU B 83 22.59 -11.17 -7.64
CA GLU B 83 21.72 -12.03 -8.46
C GLU B 83 20.24 -12.04 -8.06
N VAL B 84 19.92 -11.66 -6.82
CA VAL B 84 18.52 -11.61 -6.36
C VAL B 84 18.30 -10.28 -5.69
N ASP B 85 17.96 -9.30 -6.52
CA ASP B 85 17.76 -7.93 -6.12
C ASP B 85 16.40 -7.56 -6.63
N LEU B 86 15.42 -7.74 -5.79
CA LEU B 86 14.02 -7.68 -6.24
C LEU B 86 13.37 -6.32 -5.98
N LEU B 87 14.10 -5.42 -5.31
CA LEU B 87 13.63 -4.04 -5.10
C LEU B 87 14.35 -3.01 -5.95
N ARG B 88 15.58 -3.30 -6.38
CA ARG B 88 16.35 -2.42 -7.27
C ARG B 88 16.59 -1.05 -6.69
N GLU B 89 16.87 -0.99 -5.40
CA GLU B 89 16.96 0.28 -4.69
C GLU B 89 18.20 1.11 -5.06
N SER B 90 19.19 0.49 -5.71
CA SER B 90 20.37 1.24 -6.18
C SER B 90 20.14 1.91 -7.55
N ASN B 91 18.99 1.67 -8.18
CA ASN B 91 18.66 2.28 -9.46
C ASN B 91 17.33 2.98 -9.29
N LEU B 92 17.33 4.31 -9.19
CA LEU B 92 16.11 5.02 -8.75
C LEU B 92 14.92 4.83 -9.69
N GLU B 93 15.16 4.89 -10.98
CA GLU B 93 14.11 4.66 -11.96
C GLU B 93 13.54 3.25 -11.91
N GLU B 94 14.41 2.25 -11.77
CA GLU B 94 13.92 0.87 -11.67
C GLU B 94 13.13 0.69 -10.38
N ALA B 95 13.69 1.17 -9.26
CA ALA B 95 13.01 1.06 -7.97
C ALA B 95 11.65 1.76 -8.05
N ALA B 96 11.57 2.89 -8.78
CA ALA B 96 10.33 3.63 -8.91
C ALA B 96 9.31 2.77 -9.64
N MET B 97 9.72 2.06 -10.69
CA MET B 97 8.75 1.24 -11.39
C MET B 97 8.32 0.01 -10.60
N VAL B 98 9.23 -0.54 -9.82
CA VAL B 98 8.86 -1.59 -8.88
C VAL B 98 7.79 -1.05 -7.94
N ASP B 99 8.01 0.15 -7.40
CA ASP B 99 7.07 0.75 -6.46
C ASP B 99 5.74 1.08 -7.12
N VAL B 100 5.77 1.62 -8.33
CA VAL B 100 4.52 1.94 -9.02
C VAL B 100 3.65 0.68 -9.11
N TRP B 101 4.21 -0.42 -9.63
CA TRP B 101 3.40 -1.60 -9.88
C TRP B 101 3.03 -2.36 -8.62
N THR B 102 3.82 -2.18 -7.56
CA THR B 102 3.42 -2.68 -6.23
C THR B 102 2.17 -1.91 -5.76
N GLU B 103 2.18 -0.59 -5.94
CA GLU B 103 1.03 0.24 -5.56
C GLU B 103 -0.17 -0.09 -6.44
N VAL B 104 0.05 -0.38 -7.74
CA VAL B 104 -1.06 -0.77 -8.63
C VAL B 104 -1.72 -2.04 -8.10
N ASP B 105 -0.90 -3.02 -7.68
CA ASP B 105 -1.51 -4.20 -7.05
C ASP B 105 -2.38 -3.82 -5.86
N ALA B 106 -1.83 -3.03 -4.97
CA ALA B 106 -2.53 -2.74 -3.72
C ALA B 106 -3.81 -1.94 -3.95
N HIS B 107 -3.80 -1.00 -4.91
CA HIS B 107 -4.87 0.02 -5.00
C HIS B 107 -5.76 -0.12 -6.22
N THR B 108 -5.36 -0.94 -7.19
CA THR B 108 -6.12 -1.05 -8.45
C THR B 108 -6.43 -2.51 -8.82
N TYR B 109 -5.39 -3.34 -8.94
CA TYR B 109 -5.59 -4.76 -9.36
C TYR B 109 -6.22 -5.60 -8.26
N ASN B 110 -5.65 -5.59 -7.06
CA ASN B 110 -6.21 -6.46 -6.03
C ASN B 110 -7.63 -6.05 -5.62
N PRO B 111 -7.92 -4.73 -5.55
CA PRO B 111 -9.34 -4.40 -5.24
C PRO B 111 -10.36 -4.89 -6.28
N ALA B 112 -9.93 -5.07 -7.52
CA ALA B 112 -10.78 -5.66 -8.55
C ALA B 112 -10.86 -7.19 -8.50
N LEU B 113 -9.73 -7.83 -8.26
CA LEU B 113 -9.63 -9.29 -8.32
C LEU B 113 -10.03 -9.97 -7.01
N SER B 114 -9.64 -9.38 -5.89
CA SER B 114 -9.87 -10.04 -4.59
CA SER B 114 -9.87 -9.99 -4.57
C SER B 114 -11.34 -10.34 -4.26
N PRO B 115 -12.29 -9.44 -4.61
CA PRO B 115 -13.68 -9.79 -4.28
C PRO B 115 -14.16 -11.05 -5.00
N ILE B 116 -13.65 -11.31 -6.20
CA ILE B 116 -13.99 -12.51 -6.90
C ILE B 116 -13.45 -13.73 -6.14
N VAL B 117 -12.22 -13.63 -5.66
CA VAL B 117 -11.66 -14.71 -4.82
C VAL B 117 -12.51 -14.91 -3.55
N TYR B 118 -12.85 -13.81 -2.89
CA TYR B 118 -13.68 -13.91 -1.69
C TYR B 118 -15.02 -14.57 -1.95
N GLN B 119 -15.72 -14.07 -2.95
CA GLN B 119 -17.08 -14.56 -3.19
C GLN B 119 -17.11 -15.96 -3.75
N CSO B 120 -16.16 -16.28 -4.65
CA CSO B 120 -16.17 -17.56 -5.39
CB CSO B 120 -15.66 -17.40 -6.86
SG CSO B 120 -16.65 -16.27 -7.80
C CSO B 120 -15.35 -18.66 -4.75
O CSO B 120 -15.57 -19.82 -5.09
OD CSO B 120 -18.40 -16.91 -7.79
N LEU B 121 -14.43 -18.32 -3.84
CA LEU B 121 -13.57 -19.31 -3.21
C LEU B 121 -13.62 -19.26 -1.68
N PHE B 122 -13.19 -18.14 -1.08
CA PHE B 122 -13.08 -18.10 0.37
C PHE B 122 -14.46 -18.29 1.04
N ASN B 123 -15.49 -17.59 0.56
CA ASN B 123 -16.82 -17.73 1.15
C ASN B 123 -17.31 -19.17 1.18
N PRO B 124 -17.43 -19.83 -0.01
CA PRO B 124 -17.92 -21.21 0.06
C PRO B 124 -16.98 -22.20 0.74
N MET B 125 -15.66 -22.03 0.60
CA MET B 125 -14.71 -23.04 1.10
C MET B 125 -14.30 -22.98 2.56
N MET B 126 -14.30 -21.79 3.16
CA MET B 126 -13.90 -21.63 4.55
C MET B 126 -15.02 -22.05 5.49
N ARG B 127 -16.13 -21.33 5.46
CA ARG B 127 -17.23 -21.63 6.35
C ARG B 127 -18.53 -21.97 5.61
N GLY B 128 -18.52 -22.14 4.30
CA GLY B 128 -19.75 -22.43 3.60
C GLY B 128 -20.72 -21.27 3.56
N LEU B 129 -20.21 -20.07 3.30
CA LEU B 129 -21.03 -18.90 3.15
C LEU B 129 -21.43 -18.70 1.69
N PRO B 130 -22.51 -17.95 1.47
CA PRO B 130 -23.00 -17.74 0.11
C PRO B 130 -22.15 -16.80 -0.72
N THR B 131 -22.46 -16.79 -2.00
CA THR B 131 -21.82 -15.94 -2.96
C THR B 131 -22.76 -14.81 -3.34
N ASP B 132 -22.24 -13.59 -3.42
CA ASP B 132 -22.98 -12.41 -3.91
C ASP B 132 -22.63 -12.22 -5.38
N GLU B 133 -23.51 -12.63 -6.29
CA GLU B 133 -23.20 -12.55 -7.72
C GLU B 133 -23.13 -11.13 -8.26
N LYS B 134 -23.80 -10.18 -7.61
CA LYS B 134 -23.69 -8.77 -8.00
C LYS B 134 -22.25 -8.26 -7.77
N VAL B 135 -21.66 -8.63 -6.63
CA VAL B 135 -20.27 -8.26 -6.33
C VAL B 135 -19.37 -8.90 -7.36
N VAL B 136 -19.62 -10.16 -7.68
CA VAL B 136 -18.75 -10.86 -8.65
C VAL B 136 -18.85 -10.17 -10.00
N ALA B 137 -20.06 -9.87 -10.46
CA ALA B 137 -20.22 -9.23 -11.79
C ALA B 137 -19.58 -7.87 -11.88
N GLU B 138 -19.77 -7.04 -10.86
CA GLU B 138 -19.20 -5.69 -10.82
C GLU B 138 -17.67 -5.78 -10.82
N SER B 139 -17.14 -6.66 -9.99
CA SER B 139 -15.70 -6.85 -9.90
C SER B 139 -15.11 -7.37 -11.19
N LEU B 140 -15.77 -8.28 -11.87
CA LEU B 140 -15.25 -8.80 -13.13
CA LEU B 140 -15.28 -8.81 -13.14
C LEU B 140 -15.16 -7.71 -14.19
N GLU B 141 -16.15 -6.82 -14.23
CA GLU B 141 -16.07 -5.74 -15.20
C GLU B 141 -14.91 -4.81 -14.89
N LYS B 142 -14.71 -4.46 -13.62
CA LYS B 142 -13.55 -3.63 -13.23
C LYS B 142 -12.26 -4.36 -13.56
N LEU B 143 -12.23 -5.66 -13.32
CA LEU B 143 -10.99 -6.44 -13.56
C LEU B 143 -10.66 -6.48 -15.03
N LYS B 144 -11.66 -6.63 -15.89
CA LYS B 144 -11.40 -6.62 -17.35
C LYS B 144 -10.73 -5.32 -17.76
N LYS B 145 -11.19 -4.19 -17.23
CA LYS B 145 -10.58 -2.89 -17.56
C LYS B 145 -9.13 -2.80 -17.06
N VAL B 146 -8.87 -3.35 -15.87
CA VAL B 146 -7.52 -3.44 -15.35
C VAL B 146 -6.63 -4.32 -16.26
N LEU B 147 -7.13 -5.49 -16.64
CA LEU B 147 -6.36 -6.40 -17.47
C LEU B 147 -6.05 -5.84 -18.84
N GLU B 148 -6.91 -4.97 -19.36
CA GLU B 148 -6.61 -4.31 -20.65
C GLU B 148 -5.31 -3.52 -20.54
N VAL B 149 -5.11 -2.86 -19.39
CA VAL B 149 -3.92 -2.08 -19.14
C VAL B 149 -2.71 -2.99 -18.91
N TYR B 150 -2.89 -4.06 -18.14
CA TYR B 150 -1.81 -5.03 -17.94
C TYR B 150 -1.38 -5.69 -19.26
N GLU B 151 -2.34 -5.96 -20.14
CA GLU B 151 -2.06 -6.56 -21.43
C GLU B 151 -1.12 -5.67 -22.26
N ALA B 152 -1.41 -4.38 -22.32
CA ALA B 152 -0.54 -3.44 -23.00
C ALA B 152 0.85 -3.39 -22.34
N ARG B 153 0.89 -3.29 -21.02
CA ARG B 153 2.17 -3.21 -20.32
C ARG B 153 3.05 -4.42 -20.59
N LEU B 154 2.44 -5.62 -20.48
CA LEU B 154 3.18 -6.87 -20.59
C LEU B 154 3.39 -7.30 -22.05
N SER B 155 2.96 -6.46 -22.99
CA SER B 155 3.40 -6.59 -24.38
C SER B 155 4.69 -5.82 -24.65
N LYS B 156 5.04 -4.90 -23.73
CA LYS B 156 6.23 -4.05 -23.85
C LYS B 156 7.42 -4.57 -23.05
N HIS B 157 7.14 -5.32 -21.98
CA HIS B 157 8.15 -5.94 -21.14
C HIS B 157 7.65 -7.29 -20.64
N SER B 158 8.57 -8.17 -20.25
CA SER B 158 8.21 -9.49 -19.73
C SER B 158 7.68 -9.42 -18.30
N TYR B 159 7.98 -8.33 -17.58
CA TYR B 159 7.52 -8.17 -16.19
C TYR B 159 6.99 -6.78 -16.03
N LEU B 160 6.37 -6.53 -14.88
CA LEU B 160 5.66 -5.26 -14.72
C LEU B 160 6.57 -4.03 -14.62
N ALA B 161 7.71 -4.16 -13.94
CA ALA B 161 8.60 -3.01 -13.73
C ALA B 161 9.61 -2.75 -14.83
N GLY B 162 9.70 -3.68 -15.78
CA GLY B 162 10.69 -3.64 -16.84
C GLY B 162 11.07 -5.04 -17.25
N ASP B 163 12.29 -5.19 -17.71
CA ASP B 163 12.79 -6.43 -18.27
C ASP B 163 13.47 -7.29 -17.19
N PHE B 164 12.94 -7.26 -15.98
CA PHE B 164 13.43 -8.01 -14.84
C PHE B 164 12.26 -8.32 -13.92
N VAL B 165 12.27 -9.51 -13.32
CA VAL B 165 11.29 -9.85 -12.30
C VAL B 165 11.56 -8.97 -11.06
N SER B 166 10.52 -8.67 -10.29
CA SER B 166 10.72 -7.84 -9.11
C SER B 166 9.62 -8.12 -8.10
N PHE B 167 9.74 -7.43 -6.98
CA PHE B 167 8.70 -7.44 -5.95
C PHE B 167 7.35 -7.07 -6.52
N ALA B 168 7.31 -6.20 -7.53
CA ALA B 168 6.01 -5.88 -8.13
C ALA B 168 5.28 -7.12 -8.64
N ASP B 169 6.01 -7.99 -9.33
CA ASP B 169 5.38 -9.19 -9.86
C ASP B 169 4.97 -10.14 -8.73
N LEU B 170 5.89 -10.34 -7.78
CA LEU B 170 5.65 -11.26 -6.68
C LEU B 170 4.39 -10.89 -5.90
N ASN B 171 4.15 -9.59 -5.75
CA ASN B 171 2.97 -9.15 -5.02
C ASN B 171 1.66 -9.58 -5.65
N HIS B 172 1.66 -9.85 -6.96
CA HIS B 172 0.46 -10.29 -7.64
C HIS B 172 0.20 -11.78 -7.49
N PHE B 173 1.18 -12.53 -7.00
CA PHE B 173 1.02 -13.98 -6.99
C PHE B 173 -0.08 -14.54 -6.05
N PRO B 174 -0.11 -14.14 -4.77
CA PRO B 174 -0.97 -14.92 -3.86
C PRO B 174 -2.48 -14.86 -4.18
N TYR B 175 -3.01 -13.68 -4.39
CA TYR B 175 -4.43 -13.59 -4.69
C TYR B 175 -4.71 -14.12 -6.08
N THR B 176 -3.81 -13.85 -7.03
CA THR B 176 -4.06 -14.35 -8.40
C THR B 176 -4.08 -15.88 -8.43
N PHE B 177 -3.23 -16.50 -7.63
CA PHE B 177 -3.22 -17.95 -7.54
C PHE B 177 -4.60 -18.49 -7.14
N TYR B 178 -5.20 -17.89 -6.13
CA TYR B 178 -6.51 -18.32 -5.73
C TYR B 178 -7.61 -17.93 -6.76
N PHE B 179 -7.43 -16.82 -7.47
CA PHE B 179 -8.32 -16.51 -8.58
C PHE B 179 -8.31 -17.66 -9.60
N MET B 180 -7.14 -18.26 -9.82
CA MET B 180 -7.03 -19.38 -10.77
C MET B 180 -7.72 -20.65 -10.30
N ALA B 181 -8.09 -20.68 -9.01
CA ALA B 181 -8.87 -21.78 -8.45
C ALA B 181 -10.38 -21.56 -8.58
N THR B 182 -10.81 -20.42 -9.13
CA THR B 182 -12.21 -20.11 -9.30
C THR B 182 -12.66 -20.42 -10.73
N PRO B 183 -13.98 -20.43 -10.96
CA PRO B 183 -14.48 -20.65 -12.33
C PRO B 183 -14.19 -19.54 -13.32
N HIS B 184 -13.62 -18.42 -12.85
CA HIS B 184 -13.25 -17.30 -13.72
C HIS B 184 -11.78 -17.30 -14.17
N ALA B 185 -11.04 -18.37 -13.85
CA ALA B 185 -9.61 -18.51 -14.17
C ALA B 185 -9.30 -18.19 -15.64
N ALA B 186 -10.16 -18.69 -16.52
CA ALA B 186 -9.93 -18.53 -17.97
C ALA B 186 -10.02 -17.12 -18.48
N LEU B 187 -10.50 -16.17 -17.67
CA LEU B 187 -10.50 -14.78 -18.05
C LEU B 187 -9.14 -14.35 -18.57
N PHE B 188 -8.08 -14.77 -17.88
CA PHE B 188 -6.73 -14.35 -18.25
C PHE B 188 -6.31 -14.78 -19.65
N ASP B 189 -6.92 -15.83 -20.19
CA ASP B 189 -6.59 -16.33 -21.51
C ASP B 189 -6.94 -15.33 -22.59
N SER B 190 -7.88 -14.41 -22.29
CA SER B 190 -8.25 -13.33 -23.22
C SER B 190 -7.24 -12.17 -23.28
N TYR B 191 -6.19 -12.23 -22.45
CA TYR B 191 -5.15 -11.20 -22.37
C TYR B 191 -3.83 -11.95 -22.50
N PRO B 192 -3.46 -12.30 -23.77
CA PRO B 192 -2.39 -13.26 -23.92
C PRO B 192 -1.05 -12.89 -23.32
N HIS B 193 -0.73 -11.60 -23.28
CA HIS B 193 0.53 -11.17 -22.66
C HIS B 193 0.48 -11.27 -21.13
N VAL B 194 -0.70 -11.08 -20.57
CA VAL B 194 -0.88 -11.30 -19.12
C VAL B 194 -0.78 -12.79 -18.80
N LYS B 195 -1.39 -13.63 -19.63
CA LYS B 195 -1.28 -15.09 -19.45
C LYS B 195 0.18 -15.54 -19.53
N ALA B 196 0.92 -15.02 -20.51
CA ALA B 196 2.33 -15.39 -20.65
C ALA B 196 3.16 -14.99 -19.41
N TRP B 197 2.90 -13.80 -18.87
CA TRP B 197 3.51 -13.33 -17.63
C TRP B 197 3.16 -14.25 -16.47
N TRP B 198 1.89 -14.59 -16.33
CA TRP B 198 1.46 -15.46 -15.27
C TRP B 198 2.16 -16.80 -15.37
N ASP B 199 2.24 -17.33 -16.59
CA ASP B 199 2.91 -18.60 -16.80
C ASP B 199 4.40 -18.51 -16.43
N ARG B 200 5.04 -17.40 -16.80
CA ARG B 200 6.43 -17.18 -16.40
C ARG B 200 6.59 -17.21 -14.88
N LEU B 201 5.69 -16.55 -14.15
CA LEU B 201 5.78 -16.56 -12.67
C LEU B 201 5.56 -17.97 -12.13
N MET B 202 4.59 -18.67 -12.70
CA MET B 202 4.29 -20.04 -12.22
C MET B 202 5.41 -21.05 -12.49
N ALA B 203 6.27 -20.74 -13.46
CA ALA B 203 7.43 -21.57 -13.73
C ALA B 203 8.60 -21.39 -12.73
N ARG B 204 8.57 -20.34 -11.92
CA ARG B 204 9.67 -20.04 -11.02
C ARG B 204 9.70 -21.09 -9.88
N PRO B 205 10.88 -21.63 -9.54
CA PRO B 205 10.92 -22.61 -8.47
C PRO B 205 10.35 -22.10 -7.15
N ALA B 206 10.61 -20.84 -6.79
CA ALA B 206 10.11 -20.34 -5.49
C ALA B 206 8.59 -20.27 -5.52
N VAL B 207 8.05 -19.86 -6.66
CA VAL B 207 6.61 -19.81 -6.78
C VAL B 207 5.99 -21.21 -6.72
N LYS B 208 6.57 -22.19 -7.39
CA LYS B 208 6.06 -23.55 -7.30
C LYS B 208 6.04 -24.03 -5.85
N LYS B 209 7.11 -23.70 -5.10
CA LYS B 209 7.19 -24.17 -3.71
C LYS B 209 6.04 -23.57 -2.89
N ILE B 210 5.78 -22.28 -3.06
CA ILE B 210 4.71 -21.64 -2.28
C ILE B 210 3.32 -22.02 -2.78
N ALA B 211 3.18 -22.20 -4.10
CA ALA B 211 1.91 -22.70 -4.62
C ALA B 211 1.52 -24.02 -3.99
N ALA B 212 2.52 -24.87 -3.73
CA ALA B 212 2.25 -26.20 -3.15
C ALA B 212 1.72 -26.11 -1.71
N THR B 213 2.00 -25.01 -1.04
CA THR B 213 1.49 -24.72 0.33
C THR B 213 0.08 -24.11 0.31
N MET B 214 -0.38 -23.69 -0.86
CA MET B 214 -1.68 -23.03 -1.01
C MET B 214 -2.76 -23.99 -1.53
N VAL B 215 -2.73 -25.22 -1.02
CA VAL B 215 -3.68 -26.27 -1.45
C VAL B 215 -4.06 -27.05 -0.18
N PRO B 216 -4.90 -28.11 -0.28
CA PRO B 216 -5.16 -28.95 0.91
C PRO B 216 -4.21 -30.16 1.04
N PRO B 217 -3.26 -30.11 2.01
CA PRO B 217 -2.31 -31.22 2.18
C PRO B 217 -2.93 -32.39 2.95
CB1 GS8 C . -5.03 7.08 -5.61
CG1 GS8 C . -5.19 8.21 -6.64
CD1 GS8 C . -6.70 8.54 -6.82
OE1 GS8 C . -7.58 7.92 -6.23
C1 GS8 C . -2.57 7.34 -5.31
O11 GS8 C . -2.02 8.02 -6.20
O12 GS8 C . -2.20 7.27 -4.13
N1 GS8 C . -3.70 5.24 -4.81
CA1 GS8 C . -3.69 6.41 -5.72
N2 GS8 C . -6.95 9.57 -7.62
CA2 GS8 C . -8.32 10.03 -7.91
CB2 GS8 C . -8.43 11.44 -7.35
SG2 GS8 C . -8.89 11.28 -5.58
O13 GS8 C . -10.29 10.38 -5.37
C2 GS8 C . -8.53 10.06 -9.40
O2 GS8 C . -7.67 10.61 -10.10
N3 GS8 C . -9.66 9.47 -9.87
CA3 GS8 C . -9.99 9.44 -11.32
C3 GS8 C . -10.55 8.08 -11.78
O32 GS8 C . -10.27 7.07 -11.09
O31 GS8 C . -11.21 8.07 -12.85
C1 SIN D . -9.15 14.15 -2.27
O1 SIN D . -8.49 15.12 -1.91
O2 SIN D . -8.64 12.98 -2.29
C2 SIN D . -10.57 14.48 -2.68
C3 SIN D . -11.36 13.26 -3.11
C4 SIN D . -11.62 13.09 -4.57
O3 SIN D . -11.10 13.90 -5.36
O4 SIN D . -12.37 12.12 -4.90
C1 GOL E . -21.98 14.65 10.63
O1 GOL E . -20.58 14.91 10.40
C2 GOL E . -22.83 15.83 10.26
O2 GOL E . -22.55 16.88 11.25
C3 GOL E . -22.59 16.10 8.75
O3 GOL E . -23.85 16.09 8.04
NA NA F . -1.24 24.51 -13.67
NA NA G . 11.59 2.61 1.26
NA NA H . 5.34 -0.55 19.64
CB1 GS8 I . -3.70 -7.61 5.68
CG1 GS8 I . -3.71 -8.70 6.75
CD1 GS8 I . -5.10 -9.32 6.92
OE1 GS8 I . -6.10 -8.89 6.35
C1 GS8 I . -1.23 -7.48 5.28
O11 GS8 I . -0.94 -7.44 4.07
O12 GS8 I . -0.55 -8.08 6.14
N1 GS8 I . -2.69 -5.57 4.87
CA1 GS8 I . -2.49 -6.73 5.77
N2 GS8 I . -5.12 -10.42 7.68
CA2 GS8 I . -6.39 -11.12 8.01
CB2 GS8 I . -6.36 -12.54 7.47
SG2 GS8 I . -6.99 -12.41 5.77
O13 GS8 I . -8.58 -11.70 5.60
C2 GS8 I . -6.57 -11.19 9.53
O2 GS8 I . -5.64 -11.54 10.22
N3 GS8 I . -7.76 -10.81 10.00
CA3 GS8 I . -8.12 -10.89 11.41
C3 GS8 I . -8.84 -9.65 11.93
O32 GS8 I . -9.38 -9.82 13.02
O31 GS8 I . -8.74 -8.57 11.27
C1 SIN J . -6.76 -15.38 2.60
O1 SIN J . -6.49 -14.15 2.53
O2 SIN J . -5.98 -16.26 2.22
C2 SIN J . -8.08 -15.90 3.13
C3 SIN J . -9.12 -14.85 3.50
C4 SIN J . -9.48 -14.70 4.92
O3 SIN J . -10.41 -13.89 5.15
O4 SIN J . -8.85 -15.40 5.74
NA NA K . 2.75 -25.08 -9.40
NA NA L . -1.71 -24.99 -10.39
NA NA M . 7.26 -28.74 -8.17
#